data_6PTH
#
_entry.id   6PTH
#
_cell.length_a   139.650
_cell.length_b   139.650
_cell.length_c   173.510
_cell.angle_alpha   90.000
_cell.angle_beta   90.000
_cell.angle_gamma   120.000
#
_symmetry.space_group_name_H-M   'P 64 2 2'
#
loop_
_entity.id
_entity.type
_entity.pdbx_description
1 polymer 'Beta sliding clamp'
2 polymer Griselimycin
3 non-polymer 'SULFATE ION'
4 water water
#
loop_
_entity_poly.entity_id
_entity_poly.type
_entity_poly.pdbx_seq_one_letter_code
_entity_poly.pdbx_strand_id
1 'polypeptide(L)'
;MGHHHHHHSGEVKPEVKPETHINLKVSDGSSEIFFKIKKTTPLRRLMEAFAKRQGKEMDSLRFLYDGIRIQADQTPEDLD
MEDNDIIEAHREQIGGMHFTIQREALLKPLQLVAGVVERRQTLPVLSNVLLVVEGQQLSLTGTDLEVELVGRVVLEDAAE
PGEITVPARKLMDICKSLPNDVLIDIRVEEQKLLVKAGRSRFTLSTLPANDFPTVEEGPGSLNFSIAQSKLRRLIDRTSF
AMAQQDVRYYLNGMLLEVNGGTLRSVATDGHRLAMCSLDAQIPSQDRHQVIVPRKGILELARLLTEQDGEVGIVLGQHHI
RATTGEFTFTSKLVDGKFPDYERVLPRGGDKLVVGDRQQLREAFSRTAILSNEKYRGIRLQLSNGLLKIQANNPEQEEAE
EEVQVEYNGGNLEIGFNVSYLLDVLGVIGTEQVRFILSDSNSSALVHEADNDDSAYVVMPMRL
;
A
2 'polypeptide(L)' (ACE)(MVA)(MP8)(NZC)L(MP8)L(MVA)P(MLU)G G
#
loop_
_chem_comp.id
_chem_comp.type
_chem_comp.name
_chem_comp.formula
ACE non-polymer 'ACETYL GROUP' 'C2 H4 O'
SO4 non-polymer 'SULFATE ION' 'O4 S -2'
#
# COMPACT_ATOMS: atom_id res chain seq x y z
N GLY A 95 -36.96 -24.50 -0.36
CA GLY A 95 -36.26 -23.38 0.25
C GLY A 95 -34.99 -22.97 -0.49
N GLY A 96 -34.72 -21.67 -0.54
CA GLY A 96 -33.53 -21.15 -1.18
C GLY A 96 -32.92 -20.04 -0.36
N MET A 97 -31.77 -19.55 -0.82
CA MET A 97 -31.02 -18.52 -0.08
C MET A 97 -31.84 -17.26 0.05
N HIS A 98 -31.99 -16.77 1.28
CA HIS A 98 -32.79 -15.58 1.55
C HIS A 98 -32.30 -14.98 2.85
N PHE A 99 -31.90 -13.72 2.82
CA PHE A 99 -31.51 -13.02 4.03
C PHE A 99 -31.99 -11.58 3.95
N THR A 100 -31.81 -10.88 5.06
CA THR A 100 -32.32 -9.52 5.23
C THR A 100 -31.27 -8.71 5.95
N ILE A 101 -30.93 -7.55 5.41
CA ILE A 101 -29.77 -6.81 5.89
C ILE A 101 -30.04 -5.32 5.71
N GLN A 102 -29.56 -4.54 6.68
CA GLN A 102 -29.54 -3.10 6.54
C GLN A 102 -28.59 -2.69 5.42
N ARG A 103 -28.83 -1.52 4.86
CA ARG A 103 -28.01 -1.05 3.74
C ARG A 103 -26.58 -0.76 4.19
N GLU A 104 -26.43 0.01 5.26
CA GLU A 104 -25.09 0.32 5.76
C GLU A 104 -24.38 -0.93 6.25
N ALA A 105 -25.13 -1.94 6.72
CA ALA A 105 -24.52 -3.19 7.14
C ALA A 105 -23.89 -3.92 5.98
N LEU A 106 -24.53 -3.87 4.80
CA LEU A 106 -24.07 -4.58 3.61
C LEU A 106 -23.06 -3.77 2.81
N LEU A 107 -23.25 -2.45 2.72
CA LEU A 107 -22.42 -1.64 1.85
C LEU A 107 -20.97 -1.59 2.32
N LYS A 108 -20.74 -1.60 3.64
CA LYS A 108 -19.37 -1.50 4.15
C LYS A 108 -18.47 -2.60 3.60
N PRO A 109 -18.79 -3.90 3.77
CA PRO A 109 -17.93 -4.94 3.20
C PRO A 109 -18.08 -5.10 1.69
N LEU A 110 -19.29 -4.90 1.15
CA LEU A 110 -19.50 -5.10 -0.28
C LEU A 110 -18.65 -4.13 -1.10
N GLN A 111 -18.53 -2.88 -0.63
CA GLN A 111 -17.71 -1.91 -1.34
C GLN A 111 -16.25 -2.34 -1.38
N LEU A 112 -15.75 -2.88 -0.27
CA LEU A 112 -14.37 -3.36 -0.21
C LEU A 112 -14.18 -4.59 -1.07
N VAL A 113 -15.06 -5.58 -0.91
CA VAL A 113 -14.96 -6.82 -1.69
C VAL A 113 -15.06 -6.52 -3.17
N ALA A 114 -16.06 -5.72 -3.56
CA ALA A 114 -16.21 -5.39 -4.97
C ALA A 114 -14.97 -4.69 -5.52
N GLY A 115 -14.22 -4.01 -4.65
CA GLY A 115 -13.05 -3.28 -5.09
C GLY A 115 -11.99 -4.15 -5.76
N VAL A 116 -11.77 -5.35 -5.24
CA VAL A 116 -10.78 -6.24 -5.84
C VAL A 116 -11.29 -6.94 -7.09
N VAL A 117 -12.56 -6.75 -7.46
CA VAL A 117 -13.16 -7.43 -8.60
C VAL A 117 -12.93 -6.59 -9.85
N GLU A 118 -12.21 -7.13 -10.82
CA GLU A 118 -11.86 -6.37 -12.02
C GLU A 118 -13.07 -6.19 -12.92
N ARG A 119 -13.04 -5.10 -13.69
CA ARG A 119 -14.18 -4.69 -14.50
C ARG A 119 -14.14 -5.43 -15.83
N ARG A 120 -15.21 -6.16 -16.13
CA ARG A 120 -15.37 -6.87 -17.40
C ARG A 120 -14.19 -7.81 -17.65
N GLN A 121 -14.18 -8.90 -16.88
CA GLN A 121 -13.20 -9.94 -17.08
C GLN A 121 -13.64 -10.84 -18.24
N THR A 122 -12.70 -11.63 -18.74
CA THR A 122 -13.00 -12.58 -19.80
C THR A 122 -14.11 -13.51 -19.33
N LEU A 123 -13.79 -14.31 -18.32
CA LEU A 123 -14.73 -15.25 -17.77
C LEU A 123 -15.70 -14.54 -16.83
N PRO A 124 -17.01 -14.68 -17.03
CA PRO A 124 -17.97 -13.82 -16.32
C PRO A 124 -17.97 -13.99 -14.81
N VAL A 125 -17.73 -15.21 -14.31
CA VAL A 125 -17.81 -15.43 -12.87
C VAL A 125 -16.82 -14.53 -12.14
N LEU A 126 -15.68 -14.23 -12.76
CA LEU A 126 -14.65 -13.39 -12.15
C LEU A 126 -15.09 -11.95 -11.98
N SER A 127 -16.21 -11.55 -12.56
CA SER A 127 -16.79 -10.23 -12.34
C SER A 127 -17.83 -10.22 -11.24
N ASN A 128 -18.06 -11.37 -10.61
CA ASN A 128 -19.12 -11.52 -9.62
C ASN A 128 -18.54 -11.62 -8.21
N VAL A 129 -19.35 -11.22 -7.24
CA VAL A 129 -19.07 -11.46 -5.83
C VAL A 129 -19.80 -12.73 -5.41
N LEU A 130 -19.15 -13.54 -4.58
CA LEU A 130 -19.70 -14.80 -4.11
C LEU A 130 -20.40 -14.55 -2.77
N LEU A 131 -21.72 -14.72 -2.76
CA LEU A 131 -22.50 -14.59 -1.53
C LEU A 131 -22.73 -15.97 -0.94
N VAL A 132 -22.44 -16.11 0.35
CA VAL A 132 -22.63 -17.36 1.06
C VAL A 132 -23.31 -17.07 2.39
N VAL A 133 -24.42 -17.75 2.64
CA VAL A 133 -25.13 -17.68 3.90
C VAL A 133 -25.04 -19.05 4.57
N GLU A 134 -24.48 -19.08 5.78
CA GLU A 134 -24.31 -20.31 6.54
C GLU A 134 -24.56 -19.96 8.00
N GLY A 135 -25.63 -20.51 8.57
CA GLY A 135 -26.06 -20.04 9.87
C GLY A 135 -26.57 -18.62 9.74
N GLN A 136 -26.15 -17.76 10.68
CA GLN A 136 -26.59 -16.37 10.72
C GLN A 136 -25.54 -15.40 10.18
N GLN A 137 -24.73 -15.83 9.21
CA GLN A 137 -23.59 -15.04 8.76
C GLN A 137 -23.55 -14.98 7.24
N LEU A 138 -23.22 -13.80 6.73
CA LEU A 138 -23.08 -13.54 5.30
C LEU A 138 -21.61 -13.35 4.95
N SER A 139 -21.15 -14.02 3.89
CA SER A 139 -19.74 -14.02 3.49
C SER A 139 -19.65 -13.62 2.03
N LEU A 140 -19.10 -12.43 1.77
CA LEU A 140 -18.91 -11.93 0.40
C LEU A 140 -17.45 -12.07 0.01
N THR A 141 -17.19 -12.68 -1.15
CA THR A 141 -15.84 -12.98 -1.59
C THR A 141 -15.63 -12.46 -3.02
N GLY A 142 -14.52 -11.75 -3.22
CA GLY A 142 -14.14 -11.31 -4.56
C GLY A 142 -12.69 -11.67 -4.85
N THR A 143 -12.40 -11.81 -6.15
CA THR A 143 -11.06 -12.21 -6.55
C THR A 143 -10.72 -11.66 -7.93
N ASP A 144 -9.41 -11.51 -8.17
CA ASP A 144 -8.88 -11.23 -9.51
C ASP A 144 -7.82 -12.25 -9.88
N LEU A 145 -7.79 -13.39 -9.19
CA LEU A 145 -6.91 -14.52 -9.45
C LEU A 145 -5.50 -14.24 -8.91
N GLU A 146 -5.27 -13.01 -8.43
CA GLU A 146 -4.08 -12.67 -7.67
C GLU A 146 -4.39 -12.35 -6.21
N VAL A 147 -5.54 -11.79 -5.94
CA VAL A 147 -5.96 -11.41 -4.61
C VAL A 147 -7.36 -11.95 -4.39
N GLU A 148 -7.66 -12.33 -3.15
CA GLU A 148 -9.01 -12.75 -2.77
C GLU A 148 -9.36 -12.06 -1.46
N LEU A 149 -10.41 -11.24 -1.49
CA LEU A 149 -10.89 -10.54 -0.31
C LEU A 149 -12.24 -11.12 0.12
N VAL A 150 -12.39 -11.38 1.41
CA VAL A 150 -13.59 -11.96 1.99
C VAL A 150 -14.04 -11.07 3.14
N GLY A 151 -15.30 -10.65 3.12
CA GLY A 151 -15.89 -9.89 4.20
C GLY A 151 -17.10 -10.60 4.78
N ARG A 152 -17.33 -10.39 6.08
CA ARG A 152 -18.41 -11.07 6.79
C ARG A 152 -19.30 -10.08 7.53
N VAL A 153 -20.60 -10.35 7.54
CA VAL A 153 -21.57 -9.56 8.28
C VAL A 153 -22.46 -10.51 9.07
N VAL A 154 -22.72 -10.16 10.33
CA VAL A 154 -23.72 -10.88 11.09
C VAL A 154 -25.10 -10.47 10.59
N LEU A 155 -26.02 -11.43 10.54
CA LEU A 155 -27.39 -11.17 10.11
C LEU A 155 -28.27 -11.13 11.35
N GLU A 156 -28.94 -9.99 11.57
CA GLU A 156 -29.72 -9.80 12.79
C GLU A 156 -31.06 -10.51 12.74
N ASP A 157 -31.64 -10.68 11.56
CA ASP A 157 -32.93 -11.31 11.39
C ASP A 157 -32.74 -12.76 10.94
N ALA A 158 -33.84 -13.45 10.68
CA ALA A 158 -33.77 -14.81 10.19
C ALA A 158 -33.11 -14.85 8.81
N ALA A 159 -32.55 -16.01 8.46
CA ALA A 159 -31.85 -16.12 7.18
C ALA A 159 -31.79 -17.59 6.77
N GLU A 160 -32.52 -17.95 5.70
CA GLU A 160 -32.39 -19.26 5.10
C GLU A 160 -31.13 -19.30 4.21
N PRO A 161 -30.33 -20.37 4.30
CA PRO A 161 -28.96 -20.31 3.76
C PRO A 161 -28.81 -20.76 2.32
N GLY A 162 -27.59 -20.62 1.80
CA GLY A 162 -27.28 -20.98 0.42
C GLY A 162 -26.09 -20.18 -0.07
N GLU A 163 -25.69 -20.48 -1.30
CA GLU A 163 -24.55 -19.81 -1.92
C GLU A 163 -24.79 -19.57 -3.40
N ILE A 164 -24.45 -18.37 -3.86
CA ILE A 164 -24.62 -17.98 -5.26
C ILE A 164 -23.65 -16.83 -5.53
N THR A 165 -23.34 -16.58 -6.80
CA THR A 165 -22.51 -15.44 -7.18
C THR A 165 -23.32 -14.48 -8.04
N VAL A 166 -23.07 -13.18 -7.86
CA VAL A 166 -23.84 -12.12 -8.49
C VAL A 166 -22.89 -11.00 -8.91
N PRO A 167 -23.13 -10.30 -10.05
CA PRO A 167 -22.24 -9.21 -10.46
C PRO A 167 -21.91 -8.21 -9.35
N ALA A 168 -20.63 -8.12 -9.01
CA ALA A 168 -20.20 -7.31 -7.87
C ALA A 168 -20.55 -5.83 -8.05
N ARG A 169 -20.18 -5.24 -9.19
CA ARG A 169 -20.35 -3.79 -9.34
C ARG A 169 -21.82 -3.41 -9.30
N LYS A 170 -22.65 -4.11 -10.08
CA LYS A 170 -24.07 -3.82 -10.09
C LYS A 170 -24.68 -3.95 -8.71
N LEU A 171 -24.36 -5.02 -7.99
CA LEU A 171 -24.86 -5.17 -6.62
C LEU A 171 -24.46 -3.97 -5.77
N MET A 172 -23.17 -3.61 -5.80
CA MET A 172 -22.70 -2.50 -4.99
C MET A 172 -23.33 -1.18 -5.42
N ASP A 173 -23.37 -0.94 -6.74
CA ASP A 173 -24.03 0.25 -7.25
C ASP A 173 -25.48 0.33 -6.78
N ILE A 174 -26.21 -0.79 -6.90
CA ILE A 174 -27.58 -0.84 -6.40
C ILE A 174 -27.60 -0.55 -4.91
N CYS A 175 -26.75 -1.23 -4.16
CA CYS A 175 -26.80 -1.13 -2.70
C CYS A 175 -26.56 0.30 -2.24
N LYS A 176 -25.64 1.01 -2.89
CA LYS A 176 -25.33 2.38 -2.50
C LYS A 176 -26.42 3.35 -2.92
N SER A 177 -27.11 3.08 -4.01
CA SER A 177 -28.13 3.99 -4.52
C SER A 177 -29.40 3.99 -3.69
N LEU A 178 -29.51 3.09 -2.71
CA LEU A 178 -30.70 3.00 -1.90
C LEU A 178 -30.66 4.01 -0.75
N PRO A 179 -31.82 4.42 -0.25
CA PRO A 179 -31.83 5.42 0.82
C PRO A 179 -31.19 4.91 2.10
N ASN A 180 -30.77 5.85 2.93
CA ASN A 180 -30.11 5.51 4.19
C ASN A 180 -31.04 4.67 5.07
N ASP A 181 -30.45 3.68 5.74
CA ASP A 181 -31.05 2.88 6.80
C ASP A 181 -32.11 1.90 6.33
N VAL A 182 -32.46 1.87 5.04
CA VAL A 182 -33.54 0.99 4.62
C VAL A 182 -33.08 -0.46 4.67
N LEU A 183 -34.03 -1.35 4.87
CA LEU A 183 -33.78 -2.78 4.97
C LEU A 183 -33.83 -3.39 3.58
N ILE A 184 -32.85 -4.23 3.27
CA ILE A 184 -32.73 -4.85 1.95
C ILE A 184 -33.10 -6.32 2.06
N ASP A 185 -33.88 -6.80 1.11
CA ASP A 185 -34.26 -8.20 1.03
C ASP A 185 -33.56 -8.82 -0.19
N ILE A 186 -32.80 -9.87 0.04
CA ILE A 186 -32.02 -10.52 -1.00
C ILE A 186 -32.36 -12.00 -0.96
N ARG A 187 -32.81 -12.54 -2.09
CA ARG A 187 -33.06 -13.97 -2.19
C ARG A 187 -32.87 -14.40 -3.64
N VAL A 188 -32.81 -15.71 -3.83
CA VAL A 188 -32.61 -16.29 -5.15
C VAL A 188 -33.91 -16.92 -5.61
N GLU A 189 -34.27 -16.67 -6.87
CA GLU A 189 -35.42 -17.26 -7.51
C GLU A 189 -35.02 -17.60 -8.93
N GLU A 190 -35.26 -18.84 -9.34
CA GLU A 190 -34.68 -19.34 -10.59
C GLU A 190 -33.18 -19.13 -10.52
N GLN A 191 -32.58 -18.68 -11.62
CA GLN A 191 -31.16 -18.34 -11.64
C GLN A 191 -30.95 -16.83 -11.60
N LYS A 192 -31.74 -16.15 -10.76
CA LYS A 192 -31.68 -14.69 -10.60
C LYS A 192 -31.58 -14.35 -9.13
N LEU A 193 -30.97 -13.21 -8.84
CA LEU A 193 -30.95 -12.67 -7.48
C LEU A 193 -31.96 -11.54 -7.39
N LEU A 194 -32.79 -11.58 -6.35
CA LEU A 194 -33.91 -10.66 -6.19
C LEU A 194 -33.60 -9.72 -5.04
N VAL A 195 -33.33 -8.46 -5.37
CA VAL A 195 -33.03 -7.44 -4.38
C VAL A 195 -34.24 -6.51 -4.32
N LYS A 196 -34.92 -6.53 -3.18
CA LYS A 196 -36.06 -5.65 -2.92
C LYS A 196 -35.73 -4.79 -1.71
N ALA A 197 -36.09 -3.52 -1.77
CA ALA A 197 -35.88 -2.60 -0.65
C ALA A 197 -36.81 -1.41 -0.85
N GLY A 198 -37.73 -1.23 0.07
CA GLY A 198 -38.72 -0.18 -0.11
C GLY A 198 -39.53 -0.46 -1.37
N ARG A 199 -39.73 0.58 -2.17
CA ARG A 199 -40.53 0.49 -3.38
C ARG A 199 -39.70 0.12 -4.60
N SER A 200 -38.47 -0.37 -4.40
CA SER A 200 -37.55 -0.68 -5.49
C SER A 200 -37.32 -2.19 -5.57
N ARG A 201 -37.22 -2.69 -6.79
CA ARG A 201 -37.06 -4.13 -7.02
C ARG A 201 -36.03 -4.33 -8.11
N PHE A 202 -34.96 -5.08 -7.80
CA PHE A 202 -33.88 -5.34 -8.72
C PHE A 202 -33.75 -6.85 -8.96
N THR A 203 -33.41 -7.21 -10.19
CA THR A 203 -33.27 -8.60 -10.60
C THR A 203 -31.93 -8.75 -11.32
N LEU A 204 -30.98 -9.39 -10.65
CA LEU A 204 -29.64 -9.60 -11.21
C LEU A 204 -29.48 -11.04 -11.67
N SER A 205 -28.61 -11.23 -12.65
CA SER A 205 -28.35 -12.56 -13.21
C SER A 205 -27.16 -13.19 -12.49
N THR A 206 -27.34 -14.43 -12.04
CA THR A 206 -26.36 -15.10 -11.20
C THR A 206 -25.62 -16.20 -11.97
N LEU A 207 -24.47 -16.57 -11.43
CA LEU A 207 -23.74 -17.77 -11.83
C LEU A 207 -23.51 -18.66 -10.61
N PRO A 208 -23.44 -19.98 -10.80
CA PRO A 208 -23.41 -20.90 -9.65
C PRO A 208 -22.21 -20.68 -8.75
N ALA A 209 -22.38 -21.03 -7.47
CA ALA A 209 -21.32 -20.86 -6.49
C ALA A 209 -20.09 -21.69 -6.84
N ASN A 210 -20.26 -22.81 -7.54
CA ASN A 210 -19.13 -23.65 -7.87
C ASN A 210 -18.39 -23.18 -9.12
N ASP A 211 -18.80 -22.07 -9.73
CA ASP A 211 -17.98 -21.43 -10.74
C ASP A 211 -16.88 -20.59 -10.11
N PHE A 212 -17.03 -20.24 -8.84
CA PHE A 212 -16.07 -19.35 -8.20
C PHE A 212 -14.81 -20.13 -7.85
N PRO A 213 -13.64 -19.62 -8.19
CA PRO A 213 -12.41 -20.35 -7.91
C PRO A 213 -12.09 -20.35 -6.42
N THR A 214 -11.61 -21.48 -5.93
CA THR A 214 -11.15 -21.58 -4.56
C THR A 214 -9.65 -21.30 -4.49
N VAL A 215 -9.23 -20.71 -3.38
CA VAL A 215 -7.83 -20.33 -3.20
C VAL A 215 -7.05 -21.56 -2.75
N GLU A 216 -6.11 -22.00 -3.59
CA GLU A 216 -5.32 -23.21 -3.31
C GLU A 216 -4.18 -22.86 -2.36
N GLU A 217 -4.56 -22.52 -1.13
CA GLU A 217 -3.63 -22.07 -0.11
C GLU A 217 -3.31 -23.19 0.86
N GLY A 218 -2.02 -23.39 1.12
CA GLY A 218 -1.58 -24.43 2.02
C GLY A 218 -1.37 -23.91 3.43
N PRO A 219 -0.45 -24.53 4.16
CA PRO A 219 -0.22 -24.16 5.55
C PRO A 219 0.85 -23.09 5.73
N GLY A 220 0.69 -22.32 6.81
CA GLY A 220 1.65 -21.27 7.09
C GLY A 220 3.03 -21.83 7.43
N SER A 221 4.04 -21.02 7.15
CA SER A 221 5.40 -21.27 7.61
C SER A 221 5.77 -20.37 8.77
N LEU A 222 4.89 -19.45 9.14
CA LEU A 222 5.04 -18.50 10.24
C LEU A 222 3.77 -17.66 10.29
N ASN A 223 3.16 -17.55 11.47
CA ASN A 223 2.00 -16.68 11.61
C ASN A 223 2.04 -15.99 12.96
N PHE A 224 1.53 -14.76 12.98
CA PHE A 224 1.57 -13.92 14.17
C PHE A 224 0.40 -12.95 14.12
N SER A 225 0.30 -12.12 15.15
CA SER A 225 -0.66 -11.04 15.20
C SER A 225 0.07 -9.73 15.41
N ILE A 226 -0.54 -8.65 14.94
CA ILE A 226 0.07 -7.33 15.01
C ILE A 226 -1.05 -6.31 14.90
N ALA A 227 -0.88 -5.17 15.56
CA ALA A 227 -1.89 -4.13 15.49
C ALA A 227 -2.05 -3.65 14.05
N GLN A 228 -3.31 -3.50 13.63
CA GLN A 228 -3.55 -3.03 12.27
C GLN A 228 -2.82 -1.73 12.00
N SER A 229 -2.80 -0.82 12.99
CA SER A 229 -2.11 0.45 12.82
C SER A 229 -0.64 0.24 12.54
N LYS A 230 -0.01 -0.74 13.22
CA LYS A 230 1.41 -0.96 13.02
C LYS A 230 1.68 -1.52 11.63
N LEU A 231 0.92 -2.53 11.20
CA LEU A 231 1.12 -3.08 9.86
C LEU A 231 0.79 -2.04 8.78
N ARG A 232 -0.23 -1.21 9.02
CA ARG A 232 -0.55 -0.14 8.09
C ARG A 232 0.60 0.87 8.01
N ARG A 233 1.22 1.18 9.15
CA ARG A 233 2.34 2.12 9.16
C ARG A 233 3.50 1.59 8.32
N LEU A 234 3.81 0.30 8.46
CA LEU A 234 4.90 -0.28 7.67
C LEU A 234 4.67 -0.10 6.18
N ILE A 235 3.47 -0.40 5.71
CA ILE A 235 3.18 -0.28 4.29
C ILE A 235 3.18 1.18 3.86
N ASP A 236 2.45 2.03 4.60
CA ASP A 236 2.23 3.38 4.12
C ASP A 236 3.49 4.24 4.18
N ARG A 237 4.32 4.03 5.20
CA ARG A 237 5.56 4.80 5.30
C ARG A 237 6.57 4.44 4.22
N THR A 238 6.37 3.34 3.48
CA THR A 238 7.30 2.94 2.44
C THR A 238 6.68 2.67 1.06
N SER A 239 5.35 2.54 0.96
CA SER A 239 4.77 2.05 -0.30
C SER A 239 5.07 2.96 -1.48
N PHE A 240 5.37 4.24 -1.25
CA PHE A 240 5.61 5.15 -2.37
C PHE A 240 6.83 4.76 -3.19
N ALA A 241 7.78 4.04 -2.60
CA ALA A 241 9.06 3.76 -3.23
C ALA A 241 9.07 2.49 -4.06
N MET A 242 7.94 1.78 -4.16
CA MET A 242 7.89 0.60 -5.01
C MET A 242 7.99 0.99 -6.48
N ALA A 243 8.51 0.07 -7.28
CA ALA A 243 8.53 0.28 -8.72
C ALA A 243 7.11 0.19 -9.27
N GLN A 244 6.91 0.75 -10.45
CA GLN A 244 5.57 0.94 -11.00
C GLN A 244 5.26 0.10 -12.23
N GLN A 245 6.22 -0.65 -12.77
CA GLN A 245 5.90 -1.53 -13.89
C GLN A 245 5.25 -2.82 -13.36
N ASP A 246 4.77 -3.65 -14.28
CA ASP A 246 3.99 -4.83 -13.94
C ASP A 246 4.76 -6.13 -14.03
N VAL A 247 6.03 -6.11 -14.46
CA VAL A 247 6.77 -7.35 -14.60
C VAL A 247 6.89 -8.03 -13.25
N ARG A 248 6.75 -9.35 -13.23
CA ARG A 248 6.85 -10.14 -12.01
C ARG A 248 8.31 -10.16 -11.55
N TYR A 249 8.74 -9.03 -10.98
CA TYR A 249 10.09 -8.86 -10.47
C TYR A 249 10.01 -8.19 -9.11
N TYR A 250 11.03 -8.43 -8.26
CA TYR A 250 10.95 -8.00 -6.88
C TYR A 250 10.70 -6.51 -6.75
N LEU A 251 11.16 -5.72 -7.72
CA LEU A 251 11.05 -4.27 -7.64
C LEU A 251 9.61 -3.81 -7.56
N ASN A 252 8.69 -4.54 -8.20
CA ASN A 252 7.28 -4.18 -8.26
C ASN A 252 6.50 -4.81 -7.12
N GLY A 253 7.06 -4.71 -5.92
CA GLY A 253 6.44 -5.24 -4.72
C GLY A 253 7.22 -4.83 -3.50
N MET A 254 6.58 -5.02 -2.34
CA MET A 254 7.16 -4.66 -1.05
C MET A 254 7.68 -5.90 -0.34
N LEU A 255 8.81 -5.76 0.33
CA LEU A 255 9.33 -6.84 1.15
C LEU A 255 8.78 -6.72 2.55
N LEU A 256 8.23 -7.81 3.07
CA LEU A 256 7.90 -7.94 4.49
C LEU A 256 8.86 -8.96 5.07
N GLU A 257 9.65 -8.54 6.06
CA GLU A 257 10.70 -9.38 6.61
C GLU A 257 10.54 -9.48 8.11
N VAL A 258 10.49 -10.70 8.63
CA VAL A 258 10.43 -10.93 10.07
C VAL A 258 11.82 -11.36 10.54
N ASN A 259 12.39 -10.57 11.47
CA ASN A 259 13.73 -10.82 11.98
C ASN A 259 13.79 -10.33 13.42
N GLY A 260 14.54 -11.05 14.26
CA GLY A 260 14.46 -10.80 15.69
C GLY A 260 13.02 -10.82 16.13
N GLY A 261 12.61 -9.79 16.86
CA GLY A 261 11.21 -9.65 17.20
C GLY A 261 10.56 -8.52 16.44
N THR A 262 11.13 -8.15 15.30
CA THR A 262 10.71 -6.97 14.55
C THR A 262 10.28 -7.34 13.14
N LEU A 263 9.16 -6.74 12.71
CA LEU A 263 8.66 -6.84 11.34
C LEU A 263 9.12 -5.63 10.55
N ARG A 264 9.62 -5.85 9.35
CA ARG A 264 10.22 -4.78 8.55
C ARG A 264 9.66 -4.77 7.14
N SER A 265 9.32 -3.59 6.66
CA SER A 265 8.93 -3.37 5.28
C SER A 265 10.06 -2.69 4.54
N VAL A 266 10.30 -3.11 3.30
CA VAL A 266 11.32 -2.52 2.45
C VAL A 266 10.77 -2.42 1.03
N ALA A 267 11.05 -1.29 0.38
CA ALA A 267 10.54 -1.02 -0.94
C ALA A 267 11.56 -0.17 -1.69
N THR A 268 11.79 -0.50 -2.95
CA THR A 268 12.75 0.28 -3.73
C THR A 268 12.44 0.11 -5.22
N ASP A 269 12.75 1.16 -5.98
CA ASP A 269 12.58 1.18 -7.42
C ASP A 269 13.91 1.36 -8.15
N GLY A 270 15.04 1.27 -7.43
CA GLY A 270 16.34 1.42 -8.01
C GLY A 270 16.93 2.82 -7.88
N HIS A 271 16.08 3.83 -7.80
CA HIS A 271 16.53 5.21 -7.61
C HIS A 271 16.34 5.70 -6.19
N ARG A 272 15.33 5.21 -5.49
CA ARG A 272 15.14 5.54 -4.09
C ARG A 272 14.74 4.28 -3.34
N LEU A 273 14.82 4.34 -2.01
CA LEU A 273 14.46 3.22 -1.16
C LEU A 273 13.77 3.74 0.08
N ALA A 274 12.77 3.00 0.55
CA ALA A 274 12.10 3.30 1.80
C ALA A 274 12.00 2.02 2.63
N MET A 275 12.25 2.15 3.92
CA MET A 275 12.13 1.01 4.82
C MET A 275 11.63 1.49 6.17
N CYS A 276 10.89 0.62 6.85
CA CYS A 276 10.32 0.91 8.15
C CYS A 276 10.34 -0.36 8.96
N SER A 277 10.55 -0.22 10.27
CA SER A 277 10.76 -1.38 11.13
C SER A 277 10.13 -1.11 12.50
N LEU A 278 9.34 -2.06 12.98
CA LEU A 278 8.71 -2.03 14.30
C LEU A 278 8.82 -3.43 14.88
N ASP A 279 8.70 -3.52 16.20
CA ASP A 279 8.73 -4.82 16.86
C ASP A 279 7.31 -5.32 17.13
N ALA A 280 7.19 -6.64 17.29
CA ALA A 280 5.88 -7.26 17.49
C ALA A 280 6.08 -8.58 18.23
N GLN A 281 4.95 -9.23 18.53
CA GLN A 281 4.94 -10.42 19.38
C GLN A 281 5.42 -11.66 18.64
N ILE A 282 6.35 -11.50 17.71
CA ILE A 282 6.91 -12.63 16.97
C ILE A 282 8.09 -13.20 17.74
N PRO A 283 8.22 -14.53 17.84
CA PRO A 283 9.42 -15.11 18.44
C PRO A 283 10.68 -14.76 17.66
N SER A 284 11.82 -14.86 18.34
CA SER A 284 13.08 -14.35 17.82
C SER A 284 13.87 -15.36 17.00
N GLN A 285 13.63 -16.66 17.18
CA GLN A 285 14.25 -17.67 16.31
C GLN A 285 13.72 -17.61 14.87
N ASP A 286 12.75 -16.74 14.60
CA ASP A 286 12.09 -16.69 13.30
C ASP A 286 12.86 -15.81 12.33
N ARG A 287 13.05 -16.32 11.12
CA ARG A 287 13.64 -15.56 10.02
C ARG A 287 12.94 -15.99 8.73
N HIS A 288 12.25 -15.06 8.08
CA HIS A 288 11.49 -15.41 6.89
C HIS A 288 11.11 -14.12 6.16
N GLN A 289 11.14 -14.18 4.82
CA GLN A 289 10.83 -13.05 3.96
C GLN A 289 9.70 -13.41 2.99
N VAL A 290 8.92 -12.40 2.62
CA VAL A 290 7.93 -12.51 1.55
C VAL A 290 7.92 -11.20 0.77
N ILE A 291 7.66 -11.29 -0.54
CA ILE A 291 7.53 -10.10 -1.38
C ILE A 291 6.08 -10.01 -1.85
N VAL A 292 5.33 -9.07 -1.29
CA VAL A 292 3.94 -8.86 -1.68
C VAL A 292 3.90 -7.94 -2.89
N PRO A 293 3.16 -8.29 -3.94
CA PRO A 293 3.08 -7.43 -5.12
C PRO A 293 2.46 -6.08 -4.81
N ARG A 294 2.77 -5.10 -5.66
CA ARG A 294 2.37 -3.72 -5.42
C ARG A 294 0.86 -3.59 -5.28
N LYS A 295 0.11 -4.09 -6.28
CA LYS A 295 -1.34 -3.96 -6.24
C LYS A 295 -1.92 -4.60 -4.98
N GLY A 296 -1.34 -5.73 -4.54
CA GLY A 296 -1.87 -6.43 -3.39
C GLY A 296 -1.58 -5.73 -2.08
N ILE A 297 -0.35 -5.25 -1.90
CA ILE A 297 0.02 -4.68 -0.61
C ILE A 297 -0.65 -3.33 -0.41
N LEU A 298 -0.84 -2.56 -1.49
CA LEU A 298 -1.62 -1.33 -1.37
C LEU A 298 -3.05 -1.63 -0.97
N GLU A 299 -3.59 -2.74 -1.47
CA GLU A 299 -4.93 -3.17 -1.08
C GLU A 299 -4.98 -3.53 0.40
N LEU A 300 -3.98 -4.27 0.88
CA LEU A 300 -3.97 -4.68 2.28
C LEU A 300 -3.94 -3.47 3.20
N ALA A 301 -3.23 -2.42 2.82
CA ALA A 301 -3.18 -1.23 3.65
C ALA A 301 -4.56 -0.56 3.72
N ARG A 302 -5.31 -0.57 2.61
CA ARG A 302 -6.65 0.01 2.61
C ARG A 302 -7.58 -0.69 3.59
N LEU A 303 -7.33 -1.96 3.92
CA LEU A 303 -8.20 -2.72 4.81
C LEU A 303 -7.92 -2.49 6.28
N LEU A 304 -6.72 -2.02 6.62
CA LEU A 304 -6.30 -1.90 8.01
C LEU A 304 -6.73 -0.55 8.59
N THR A 305 -8.05 -0.34 8.60
CA THR A 305 -8.64 0.94 8.97
C THR A 305 -9.07 1.03 10.42
N GLU A 306 -9.39 -0.09 11.08
CA GLU A 306 -9.68 -0.06 12.50
C GLU A 306 -8.47 0.44 13.25
N GLN A 307 -8.45 1.73 13.59
CA GLN A 307 -7.28 2.36 14.18
C GLN A 307 -6.79 1.66 15.44
N ASP A 308 -7.65 0.88 16.10
CA ASP A 308 -7.29 0.19 17.33
C ASP A 308 -7.53 -1.32 17.23
N GLY A 309 -7.54 -1.87 16.02
CA GLY A 309 -7.78 -3.29 15.82
C GLY A 309 -6.50 -4.11 15.72
N GLU A 310 -6.70 -5.42 15.54
CA GLU A 310 -5.61 -6.38 15.45
C GLU A 310 -5.85 -7.29 14.25
N VAL A 311 -4.77 -7.63 13.55
CA VAL A 311 -4.84 -8.45 12.35
C VAL A 311 -3.94 -9.68 12.55
N GLY A 312 -4.36 -10.80 11.98
CA GLY A 312 -3.60 -12.02 12.04
C GLY A 312 -2.95 -12.28 10.70
N ILE A 313 -1.61 -12.27 10.70
CA ILE A 313 -0.82 -12.44 9.48
C ILE A 313 -0.31 -13.88 9.42
N VAL A 314 -0.37 -14.47 8.24
CA VAL A 314 0.18 -15.79 7.96
C VAL A 314 1.03 -15.71 6.70
N LEU A 315 2.29 -16.12 6.81
CA LEU A 315 3.24 -16.06 5.71
C LEU A 315 3.52 -17.48 5.24
N GLY A 316 3.31 -17.72 3.94
CA GLY A 316 3.55 -19.01 3.34
C GLY A 316 4.51 -18.91 2.16
N GLN A 317 4.72 -20.07 1.52
CA GLN A 317 5.65 -20.14 0.40
C GLN A 317 5.15 -19.29 -0.77
N HIS A 318 3.84 -19.25 -0.99
CA HIS A 318 3.28 -18.59 -2.16
C HIS A 318 2.13 -17.62 -1.87
N HIS A 319 1.65 -17.55 -0.63
CA HIS A 319 0.55 -16.66 -0.30
C HIS A 319 0.82 -15.97 1.02
N ILE A 320 0.03 -14.94 1.31
CA ILE A 320 0.03 -14.24 2.60
C ILE A 320 -1.41 -13.97 2.99
N ARG A 321 -1.76 -14.27 4.24
CA ARG A 321 -3.12 -14.14 4.74
C ARG A 321 -3.20 -13.04 5.80
N ALA A 322 -4.15 -12.13 5.61
CA ALA A 322 -4.49 -11.12 6.62
C ALA A 322 -5.94 -11.36 7.05
N THR A 323 -6.15 -11.53 8.35
CA THR A 323 -7.47 -11.87 8.89
C THR A 323 -7.82 -10.92 10.02
N THR A 324 -8.85 -10.11 9.81
CA THR A 324 -9.25 -9.08 10.78
C THR A 324 -10.62 -9.36 11.37
N GLY A 325 -11.10 -10.59 11.29
CA GLY A 325 -12.39 -10.90 11.88
C GLY A 325 -13.54 -10.36 11.05
N GLU A 326 -13.41 -9.13 10.56
CA GLU A 326 -14.31 -8.62 9.53
C GLU A 326 -13.87 -9.01 8.13
N PHE A 327 -12.57 -9.24 7.89
CA PHE A 327 -12.07 -9.46 6.54
C PHE A 327 -11.01 -10.54 6.54
N THR A 328 -10.83 -11.18 5.38
CA THR A 328 -9.76 -12.14 5.14
C THR A 328 -9.16 -11.82 3.78
N PHE A 329 -7.98 -11.20 3.79
CA PHE A 329 -7.26 -10.82 2.59
C PHE A 329 -6.19 -11.86 2.29
N THR A 330 -6.15 -12.34 1.05
CA THR A 330 -5.20 -13.35 0.61
C THR A 330 -4.53 -12.89 -0.66
N SER A 331 -3.22 -13.07 -0.75
CA SER A 331 -2.46 -12.55 -1.88
C SER A 331 -1.37 -13.53 -2.28
N LYS A 332 -1.26 -13.76 -3.60
CA LYS A 332 -0.09 -14.46 -4.12
C LYS A 332 1.16 -13.62 -3.86
N LEU A 333 2.31 -14.28 -3.88
CA LEU A 333 3.58 -13.62 -3.63
C LEU A 333 4.36 -13.42 -4.93
N VAL A 334 5.42 -12.64 -4.84
CA VAL A 334 6.34 -12.45 -5.95
C VAL A 334 7.41 -13.53 -5.90
N ASP A 335 7.56 -14.27 -7.00
CA ASP A 335 8.55 -15.33 -7.07
C ASP A 335 9.94 -14.72 -7.25
N GLY A 336 10.86 -15.02 -6.34
CA GLY A 336 12.20 -14.47 -6.41
C GLY A 336 12.71 -13.95 -5.08
N LYS A 337 14.03 -13.85 -4.93
CA LYS A 337 14.62 -13.34 -3.70
C LYS A 337 14.80 -11.83 -3.80
N PHE A 338 14.54 -11.15 -2.68
CA PHE A 338 14.72 -9.71 -2.55
C PHE A 338 16.20 -9.39 -2.30
N PRO A 339 16.75 -8.38 -2.97
CA PRO A 339 18.20 -8.13 -2.87
C PRO A 339 18.59 -7.71 -1.47
N ASP A 340 19.90 -7.76 -1.21
CA ASP A 340 20.45 -7.38 0.08
C ASP A 340 20.33 -5.86 0.22
N TYR A 341 19.14 -5.41 0.63
CA TYR A 341 18.85 -3.98 0.71
C TYR A 341 19.78 -3.28 1.68
N GLU A 342 20.33 -4.00 2.67
CA GLU A 342 21.24 -3.37 3.62
C GLU A 342 22.42 -2.71 2.92
N ARG A 343 22.97 -3.37 1.88
CA ARG A 343 24.13 -2.84 1.16
C ARG A 343 23.80 -1.62 0.32
N VAL A 344 22.58 -1.09 0.41
CA VAL A 344 22.20 0.13 -0.29
C VAL A 344 22.18 1.33 0.65
N LEU A 345 22.15 1.12 1.96
CA LEU A 345 22.13 2.22 2.90
C LEU A 345 23.50 2.90 2.93
N PRO A 346 23.58 4.22 2.79
CA PRO A 346 24.87 4.88 2.78
C PRO A 346 25.50 4.89 4.16
N ARG A 347 26.82 4.87 4.20
CA ARG A 347 27.55 4.68 5.44
C ARG A 347 28.33 5.90 5.91
N GLY A 348 28.86 6.71 5.01
CA GLY A 348 29.79 7.75 5.41
C GLY A 348 29.28 9.17 5.26
N GLY A 349 28.20 9.51 5.97
CA GLY A 349 27.63 10.83 5.89
C GLY A 349 28.09 11.77 6.99
N ASP A 350 28.91 12.75 6.63
CA ASP A 350 29.39 13.76 7.56
C ASP A 350 28.59 15.06 7.49
N LYS A 351 27.61 15.14 6.60
CA LYS A 351 26.84 16.37 6.37
C LYS A 351 25.42 16.16 6.88
N LEU A 352 25.14 16.62 8.10
CA LEU A 352 23.80 16.58 8.67
C LEU A 352 23.08 17.88 8.39
N VAL A 353 21.88 17.78 7.83
CA VAL A 353 21.03 18.93 7.53
C VAL A 353 19.71 18.72 8.25
N VAL A 354 19.43 19.57 9.23
CA VAL A 354 18.14 19.56 9.92
C VAL A 354 17.34 20.76 9.43
N GLY A 355 16.09 20.53 9.07
CA GLY A 355 15.26 21.60 8.55
C GLY A 355 13.79 21.31 8.78
N ASP A 356 12.97 22.32 8.51
CA ASP A 356 11.53 22.18 8.63
C ASP A 356 10.98 21.35 7.48
N ARG A 357 10.21 20.31 7.81
CA ARG A 357 9.68 19.43 6.79
C ARG A 357 8.85 20.20 5.77
N GLN A 358 7.90 21.00 6.24
CA GLN A 358 6.97 21.66 5.34
C GLN A 358 7.64 22.75 4.52
N GLN A 359 8.48 23.58 5.16
CA GLN A 359 9.13 24.65 4.42
C GLN A 359 10.00 24.11 3.29
N LEU A 360 10.60 22.94 3.49
CA LEU A 360 11.41 22.34 2.43
C LEU A 360 10.52 21.81 1.31
N ARG A 361 9.46 21.08 1.66
CA ARG A 361 8.52 20.59 0.66
C ARG A 361 7.99 21.75 -0.18
N GLU A 362 7.66 22.87 0.47
CA GLU A 362 7.11 24.00 -0.25
C GLU A 362 8.15 24.66 -1.14
N ALA A 363 9.42 24.69 -0.72
CA ALA A 363 10.46 25.33 -1.51
C ALA A 363 10.94 24.45 -2.65
N PHE A 364 11.14 23.15 -2.39
CA PHE A 364 11.42 22.20 -3.47
C PHE A 364 10.34 22.24 -4.54
N SER A 365 9.08 22.16 -4.11
CA SER A 365 7.97 22.18 -5.07
C SER A 365 7.90 23.50 -5.82
N ARG A 366 8.21 24.61 -5.13
CA ARG A 366 8.13 25.93 -5.74
C ARG A 366 9.16 26.08 -6.86
N THR A 367 10.43 25.81 -6.56
CA THR A 367 11.48 26.00 -7.56
C THR A 367 11.39 24.99 -8.68
N ALA A 368 10.71 23.86 -8.46
CA ALA A 368 10.58 22.87 -9.52
C ALA A 368 9.73 23.36 -10.69
N ILE A 369 8.93 24.41 -10.51
CA ILE A 369 8.10 24.92 -11.61
C ILE A 369 8.97 25.26 -12.81
N LEU A 370 10.22 25.66 -12.58
CA LEU A 370 11.11 26.04 -13.67
C LEU A 370 12.23 25.03 -13.87
N SER A 371 12.08 23.81 -13.34
CA SER A 371 13.01 22.73 -13.65
C SER A 371 12.58 22.01 -14.94
N ASN A 372 13.38 21.03 -15.34
CA ASN A 372 13.13 20.33 -16.60
C ASN A 372 11.96 19.37 -16.43
N GLU A 373 11.04 19.38 -17.39
CA GLU A 373 9.81 18.60 -17.24
C GLU A 373 10.09 17.10 -17.20
N LYS A 374 11.07 16.64 -17.98
CA LYS A 374 11.35 15.21 -18.03
C LYS A 374 12.13 14.76 -16.80
N TYR A 375 13.24 15.43 -16.49
CA TYR A 375 14.13 14.98 -15.43
C TYR A 375 13.79 15.56 -14.08
N ARG A 376 13.21 16.76 -14.04
CA ARG A 376 12.73 17.37 -12.79
C ARG A 376 13.87 17.55 -11.80
N GLY A 377 15.06 17.84 -12.31
CA GLY A 377 16.22 17.99 -11.45
C GLY A 377 16.29 19.38 -10.85
N ILE A 378 16.64 19.42 -9.56
CA ILE A 378 16.96 20.66 -8.86
C ILE A 378 18.38 20.53 -8.32
N ARG A 379 18.96 21.67 -7.98
CA ARG A 379 20.32 21.73 -7.44
C ARG A 379 20.26 22.25 -6.02
N LEU A 380 20.76 21.46 -5.07
CA LEU A 380 20.97 21.91 -3.71
C LEU A 380 22.39 22.44 -3.58
N GLN A 381 22.53 23.60 -2.92
CA GLN A 381 23.82 24.24 -2.72
C GLN A 381 23.94 24.55 -1.23
N LEU A 382 24.66 23.71 -0.51
CA LEU A 382 24.78 23.82 0.94
C LEU A 382 25.97 24.69 1.34
N SER A 383 25.69 25.71 2.14
CA SER A 383 26.72 26.49 2.78
C SER A 383 26.49 26.44 4.28
N ASN A 384 27.12 27.35 5.02
CA ASN A 384 26.98 27.40 6.48
CA ASN A 384 26.98 27.39 6.46
C ASN A 384 25.59 27.91 6.82
N GLY A 385 24.78 27.06 7.44
CA GLY A 385 23.46 27.44 7.88
C GLY A 385 22.48 27.82 6.78
N LEU A 386 22.80 27.49 5.53
CA LEU A 386 22.00 27.91 4.39
C LEU A 386 21.88 26.78 3.38
N LEU A 387 20.71 26.70 2.77
CA LEU A 387 20.45 25.83 1.63
C LEU A 387 19.94 26.69 0.49
N LYS A 388 20.67 26.72 -0.62
CA LYS A 388 20.26 27.44 -1.82
C LYS A 388 19.77 26.43 -2.84
N ILE A 389 18.49 26.52 -3.19
CA ILE A 389 17.84 25.62 -4.13
C ILE A 389 17.79 26.29 -5.49
N GLN A 390 18.13 25.55 -6.53
CA GLN A 390 18.13 26.10 -7.88
C GLN A 390 17.58 25.08 -8.87
N ALA A 391 16.87 25.59 -9.87
CA ALA A 391 16.33 24.77 -10.95
C ALA A 391 16.24 25.62 -12.21
N ASN A 392 16.46 24.98 -13.36
CA ASN A 392 16.35 25.70 -14.62
C ASN A 392 16.09 24.70 -15.73
N ASN A 393 15.56 25.21 -16.84
CA ASN A 393 14.98 24.41 -17.91
C ASN A 393 15.52 24.84 -19.26
N PRO A 394 15.21 24.10 -20.33
CA PRO A 394 15.75 24.44 -21.65
C PRO A 394 15.42 25.83 -22.16
N GLU A 395 14.34 26.46 -21.71
CA GLU A 395 14.06 27.83 -22.12
C GLU A 395 14.94 28.83 -21.40
N GLN A 396 15.94 28.35 -20.66
CA GLN A 396 16.86 29.18 -19.89
C GLN A 396 16.12 30.02 -18.87
N GLU A 397 14.96 29.52 -18.43
CA GLU A 397 14.27 30.06 -17.27
C GLU A 397 14.88 29.44 -16.03
N GLU A 398 14.79 30.16 -14.91
CA GLU A 398 15.52 29.76 -13.72
C GLU A 398 14.76 30.19 -12.48
N ALA A 399 14.86 29.36 -11.44
CA ALA A 399 14.27 29.64 -10.14
C ALA A 399 15.29 29.33 -9.05
N GLU A 400 15.48 30.27 -8.14
CA GLU A 400 16.30 30.06 -6.96
C GLU A 400 15.45 30.30 -5.72
N GLU A 401 15.75 29.57 -4.65
CA GLU A 401 15.17 29.90 -3.36
C GLU A 401 16.15 29.51 -2.25
N GLU A 402 16.31 30.40 -1.29
CA GLU A 402 17.18 30.15 -0.14
C GLU A 402 16.33 29.82 1.07
N VAL A 403 16.65 28.70 1.72
CA VAL A 403 15.97 28.23 2.92
C VAL A 403 16.99 28.20 4.05
N GLN A 404 16.66 28.82 5.17
CA GLN A 404 17.50 28.74 6.35
C GLN A 404 17.32 27.38 7.01
N VAL A 405 18.45 26.69 7.24
CA VAL A 405 18.44 25.36 7.85
C VAL A 405 19.58 25.27 8.84
N GLU A 406 19.50 24.26 9.71
CA GLU A 406 20.61 23.92 10.58
C GLU A 406 21.63 23.11 9.79
N TYR A 407 22.84 23.63 9.68
CA TYR A 407 23.92 22.92 8.99
C TYR A 407 25.26 23.55 9.30
N ASN A 408 26.11 22.81 10.02
CA ASN A 408 27.45 23.28 10.39
C ASN A 408 28.54 22.39 9.80
N GLY A 409 28.29 21.80 8.63
CA GLY A 409 29.24 20.96 7.96
C GLY A 409 29.94 21.68 6.81
N GLY A 410 30.58 20.89 5.96
CA GLY A 410 31.33 21.43 4.85
C GLY A 410 30.43 22.00 3.77
N ASN A 411 31.04 22.47 2.69
CA ASN A 411 30.29 22.96 1.55
C ASN A 411 30.03 21.84 0.56
N LEU A 412 28.81 21.80 0.03
CA LEU A 412 28.38 20.70 -0.84
C LEU A 412 27.37 21.21 -1.86
N GLU A 413 27.53 20.75 -3.10
CA GLU A 413 26.60 21.02 -4.19
C GLU A 413 26.13 19.69 -4.73
N ILE A 414 24.81 19.45 -4.69
CA ILE A 414 24.26 18.14 -5.03
C ILE A 414 22.91 18.32 -5.72
N GLY A 415 22.61 17.42 -6.65
CA GLY A 415 21.42 17.54 -7.48
C GLY A 415 20.51 16.33 -7.34
N PHE A 416 19.21 16.58 -7.28
CA PHE A 416 18.23 15.54 -7.03
C PHE A 416 17.03 15.67 -7.96
N ASN A 417 16.42 14.54 -8.23
CA ASN A 417 15.08 14.50 -8.82
C ASN A 417 14.08 14.96 -7.77
N VAL A 418 13.47 16.13 -8.00
CA VAL A 418 12.70 16.78 -6.95
C VAL A 418 11.55 15.90 -6.48
N SER A 419 10.97 15.10 -7.38
CA SER A 419 9.85 14.24 -6.99
C SER A 419 10.26 13.22 -5.95
N TYR A 420 11.47 12.68 -6.07
CA TYR A 420 11.97 11.76 -5.06
C TYR A 420 12.03 12.45 -3.70
N LEU A 421 12.42 13.72 -3.67
CA LEU A 421 12.49 14.46 -2.41
C LEU A 421 11.11 14.73 -1.85
N LEU A 422 10.21 15.27 -2.70
CA LEU A 422 8.84 15.54 -2.26
C LEU A 422 8.16 14.27 -1.77
N ASP A 423 8.43 13.13 -2.42
CA ASP A 423 7.82 11.87 -2.01
C ASP A 423 8.28 11.48 -0.61
N VAL A 424 9.57 11.61 -0.33
CA VAL A 424 10.07 11.31 1.00
C VAL A 424 9.47 12.28 2.01
N LEU A 425 9.49 13.57 1.70
CA LEU A 425 8.89 14.57 2.58
C LEU A 425 7.41 14.30 2.79
N GLY A 426 6.76 13.64 1.84
CA GLY A 426 5.34 13.38 1.96
C GLY A 426 5.02 12.46 3.11
N VAL A 427 5.89 11.48 3.39
CA VAL A 427 5.64 10.50 4.43
C VAL A 427 6.33 10.82 5.73
N ILE A 428 7.13 11.87 5.79
CA ILE A 428 7.82 12.23 7.03
C ILE A 428 6.80 12.78 8.02
N GLY A 429 6.73 12.15 9.19
CA GLY A 429 5.70 12.50 10.16
C GLY A 429 6.08 13.63 11.09
N THR A 430 7.37 13.75 11.40
CA THR A 430 7.83 14.79 12.30
C THR A 430 7.81 16.15 11.59
N GLU A 431 7.92 17.20 12.40
CA GLU A 431 7.93 18.56 11.87
C GLU A 431 9.30 18.96 11.36
N GLN A 432 10.37 18.42 11.94
CA GLN A 432 11.73 18.57 11.45
C GLN A 432 12.17 17.32 10.71
N VAL A 433 13.04 17.50 9.72
CA VAL A 433 13.53 16.40 8.89
C VAL A 433 15.04 16.45 8.86
N ARG A 434 15.67 15.28 8.85
CA ARG A 434 17.12 15.16 8.88
C ARG A 434 17.63 14.60 7.56
N PHE A 435 18.62 15.26 6.98
CA PHE A 435 19.30 14.80 5.77
C PHE A 435 20.76 14.48 6.10
N ILE A 436 21.25 13.35 5.59
CA ILE A 436 22.62 12.91 5.86
C ILE A 436 23.29 12.68 4.51
N LEU A 437 24.10 13.64 4.09
CA LEU A 437 24.79 13.61 2.80
C LEU A 437 26.27 13.37 2.98
N SER A 438 26.90 12.84 1.94
CA SER A 438 28.36 12.70 1.92
C SER A 438 28.92 13.57 0.81
N ASP A 439 28.97 13.08 -0.42
CA ASP A 439 29.42 13.90 -1.55
C ASP A 439 28.33 13.96 -2.61
N SER A 440 28.65 14.67 -3.69
CA SER A 440 27.66 15.02 -4.70
C SER A 440 27.18 13.84 -5.51
N ASN A 441 27.91 12.71 -5.48
CA ASN A 441 27.56 11.56 -6.31
C ASN A 441 27.17 10.33 -5.48
N SER A 442 26.87 10.52 -4.19
CA SER A 442 26.52 9.43 -3.31
C SER A 442 25.14 9.68 -2.71
N SER A 443 24.47 8.58 -2.36
CA SER A 443 23.07 8.67 -1.98
C SER A 443 22.89 9.50 -0.71
N ALA A 444 21.68 10.02 -0.55
CA ALA A 444 21.28 10.77 0.61
C ALA A 444 20.41 9.89 1.50
N LEU A 445 20.59 10.04 2.80
CA LEU A 445 19.82 9.33 3.80
C LEU A 445 18.93 10.34 4.51
N VAL A 446 17.64 10.04 4.62
CA VAL A 446 16.66 10.92 5.25
C VAL A 446 16.01 10.17 6.40
N HIS A 447 15.92 10.82 7.55
CA HIS A 447 15.26 10.28 8.73
C HIS A 447 14.23 11.28 9.23
N GLU A 448 13.33 10.81 10.09
CA GLU A 448 12.51 11.74 10.83
C GLU A 448 13.36 12.42 11.91
N ALA A 449 12.77 13.43 12.55
CA ALA A 449 13.51 14.23 13.52
C ALA A 449 13.97 13.38 14.70
N ASP A 450 13.03 12.67 15.34
CA ASP A 450 13.26 12.11 16.66
C ASP A 450 13.36 10.59 16.69
N ASN A 451 13.24 9.90 15.56
CA ASN A 451 13.38 8.45 15.57
C ASN A 451 13.92 7.96 14.24
N ASP A 452 14.51 6.77 14.26
CA ASP A 452 15.10 6.14 13.08
C ASP A 452 14.38 4.85 12.69
N ASP A 453 13.14 4.66 13.17
CA ASP A 453 12.37 3.47 12.83
C ASP A 453 12.15 3.37 11.32
N SER A 454 12.01 4.50 10.64
CA SER A 454 11.89 4.56 9.19
C SER A 454 13.08 5.30 8.60
N ALA A 455 13.61 4.76 7.49
CA ALA A 455 14.79 5.31 6.82
C ALA A 455 14.57 5.36 5.32
N TYR A 456 15.05 6.43 4.70
CA TYR A 456 14.84 6.68 3.27
C TYR A 456 16.15 7.03 2.60
N VAL A 457 16.46 6.32 1.51
CA VAL A 457 17.65 6.55 0.71
C VAL A 457 17.23 7.08 -0.66
N VAL A 458 17.86 8.17 -1.09
CA VAL A 458 17.52 8.82 -2.35
C VAL A 458 18.82 9.09 -3.11
N MET A 459 18.95 8.49 -4.29
CA MET A 459 20.12 8.65 -5.12
C MET A 459 20.09 10.03 -5.80
N PRO A 460 21.24 10.67 -5.97
CA PRO A 460 21.24 12.00 -6.60
C PRO A 460 21.43 11.94 -8.11
N MET A 461 21.48 13.11 -8.74
CA MET A 461 21.70 13.24 -10.17
C MET A 461 23.02 13.94 -10.42
N ARG A 462 23.75 13.49 -11.45
CA ARG A 462 25.01 14.12 -11.78
C ARG A 462 24.76 15.47 -12.44
N LEU A 463 25.49 16.49 -11.98
CA LEU A 463 25.35 17.84 -12.51
C LEU A 463 26.40 18.10 -13.59
C ACE B 1 22.50 11.11 -14.40
O ACE B 1 22.08 11.61 -13.40
CH3 ACE B 1 23.48 11.81 -15.30
N MVA B 2 22.00 9.81 -14.74
CN MVA B 2 22.25 8.90 -15.86
CA MVA B 2 21.07 9.35 -13.72
CB MVA B 2 19.63 9.30 -14.27
CG1 MVA B 2 18.66 8.87 -13.17
CG2 MVA B 2 19.21 10.63 -14.86
C MVA B 2 21.48 8.00 -13.15
O MVA B 2 21.12 6.95 -13.64
C MP8 B 3 21.85 6.20 -10.58
N MP8 B 3 22.26 8.08 -12.08
O MP8 B 3 20.92 6.83 -10.10
CA MP8 B 3 22.87 6.89 -11.47
CB MP8 B 3 24.12 7.39 -10.72
CD MP8 B 3 22.67 9.23 -11.23
CE MP8 B 3 24.78 9.70 -9.88
CG MP8 B 3 23.61 8.75 -10.14
N NZC B 4 21.99 4.90 -10.36
O NZC B 4 22.88 3.74 -8.00
OG1 NZC B 4 21.24 1.94 -10.41
C NZC B 4 21.68 3.70 -8.18
CA NZC B 4 21.04 4.20 -9.47
CB NZC B 4 20.33 3.01 -10.16
CG2 NZC B 4 19.63 3.44 -11.45
C40 NZC B 4 23.06 4.16 -11.03
N LEU B 5 20.84 3.25 -7.26
CA LEU B 5 21.31 2.61 -6.03
C LEU B 5 22.04 1.31 -6.36
C MP8 B 6 23.22 -1.55 -5.75
N MP8 B 6 23.00 0.93 -5.52
O MP8 B 6 23.68 -2.42 -5.05
CA MP8 B 6 23.90 -0.19 -5.83
CB MP8 B 6 25.09 -0.08 -4.85
CD MP8 B 6 23.70 1.79 -4.53
CE MP8 B 6 25.61 1.45 -2.89
CG MP8 B 6 24.51 0.79 -3.70
N LEU B 7 22.14 -1.73 -6.49
CA LEU B 7 21.46 -3.03 -6.51
C LEU B 7 22.25 -4.02 -7.37
N MVA B 8 22.32 -5.28 -6.92
CN MVA B 8 21.85 -5.66 -5.59
CA MVA B 8 23.03 -6.32 -7.67
CB MVA B 8 24.31 -6.75 -6.94
CG1 MVA B 8 25.25 -5.58 -6.71
CG2 MVA B 8 25.02 -7.88 -7.69
C MVA B 8 22.16 -7.53 -7.98
O MVA B 8 21.88 -8.34 -7.12
N PRO B 9 21.73 -7.67 -9.24
CA PRO B 9 22.03 -6.74 -10.33
C PRO B 9 21.03 -5.58 -10.32
N MLU B 10 21.14 -4.64 -11.26
CN MLU B 10 22.34 -4.33 -12.04
CA MLU B 10 20.10 -3.62 -11.43
C MLU B 10 20.68 -2.23 -11.54
O MLU B 10 20.59 -1.57 -12.56
CB MLU B 10 19.23 -3.94 -12.66
CG MLU B 10 18.51 -5.27 -12.63
CD1 MLU B 10 17.93 -5.60 -14.00
CD2 MLU B 10 17.41 -5.27 -11.58
N GLY B 11 21.27 -1.76 -10.45
CA GLY B 11 21.88 -0.45 -10.42
C GLY B 11 20.88 0.64 -10.14
S SO4 C . 1.12 -21.30 0.85
O1 SO4 C . 1.83 -20.60 -0.20
O2 SO4 C . 2.06 -21.79 1.83
O3 SO4 C . 0.18 -20.40 1.51
O4 SO4 C . 0.42 -22.42 0.24
#